data_1YM5
#
_entry.id   1YM5
#
_cell.length_a   81.188
_cell.length_b   81.188
_cell.length_c   98.146
_cell.angle_alpha   90.00
_cell.angle_beta   90.00
_cell.angle_gamma   90.00
#
_symmetry.space_group_name_H-M   'P 43 21 2'
#
loop_
_entity.id
_entity.type
_entity.pdbx_description
1 polymer 'Hypothetical 32.6 kDa protein in DAP2-SLT2 intergenic region'
2 water water
#
_entity_poly.entity_id   1
_entity_poly.type   'polypeptide(L)'
_entity_poly.pdbx_seq_one_letter_code
;MTLMVPFKQVDVFTEKPFMGNPVAVINFLEIDENEVSQEELQAIANWTNLSETTFLFKPSDKKYDYKLRIFTPRSELPFA
GHPTIGSCKAFLEFTKNTTATSLVQECKIGAVPITINEGLISFKAPMADYESISSEMIADYEKAIGLKFIKPPALLHTGP
EWIVALVEDAETCFNANPNFAMLAHQTKQNDHVGIILAGPKKEAAIKNSYEMRAFAPVINVYEDPVCGSGSVALARYLQE
VYKFEKTTDITISEGGRLKRNGLMLASIKKEADNSTSYYIAGHATTVIDGKIKVHHHHHH
;
_entity_poly.pdbx_strand_id   A
#
# COMPACT_ATOMS: atom_id res chain seq x y z
N THR A 2 -28.22 -5.68 -20.69
CA THR A 2 -26.94 -5.22 -20.06
C THR A 2 -26.18 -6.43 -19.51
N LEU A 3 -24.93 -6.67 -19.96
CA LEU A 3 -24.06 -7.56 -19.17
C LEU A 3 -23.57 -6.90 -17.86
N MET A 4 -23.88 -7.53 -16.74
CA MET A 4 -23.37 -7.11 -15.48
C MET A 4 -22.63 -8.22 -14.81
N VAL A 5 -21.48 -7.89 -14.22
CA VAL A 5 -20.67 -8.85 -13.48
C VAL A 5 -20.52 -8.38 -12.01
N PRO A 6 -20.23 -9.30 -11.09
CA PRO A 6 -20.14 -8.84 -9.72
C PRO A 6 -19.03 -7.79 -9.50
N PHE A 7 -19.31 -6.91 -8.56
CA PHE A 7 -18.45 -5.81 -8.24
C PHE A 7 -18.45 -5.56 -6.72
N LYS A 8 -17.27 -5.33 -6.19
CA LYS A 8 -17.10 -4.92 -4.79
C LYS A 8 -16.14 -3.77 -4.70
N GLN A 9 -16.48 -2.78 -3.87
CA GLN A 9 -15.53 -1.73 -3.52
C GLN A 9 -15.10 -1.96 -2.07
N VAL A 10 -13.86 -2.41 -1.92
CA VAL A 10 -13.30 -2.91 -0.70
C VAL A 10 -12.39 -1.85 -0.09
N ASP A 11 -12.61 -1.59 1.21
CA ASP A 11 -11.83 -0.63 1.94
C ASP A 11 -10.64 -1.36 2.56
N VAL A 12 -9.42 -0.96 2.20
CA VAL A 12 -8.25 -1.73 2.65
C VAL A 12 -7.60 -1.08 3.87
N PHE A 13 -7.09 -1.91 4.79
CA PHE A 13 -6.36 -1.50 6.04
C PHE A 13 -7.33 -1.00 7.12
N THR A 14 -8.53 -1.56 7.08
CA THR A 14 -9.58 -1.22 8.02
C THR A 14 -10.60 -2.37 8.17
N GLU A 15 -11.24 -2.43 9.33
CA GLU A 15 -12.40 -3.28 9.53
C GLU A 15 -13.63 -2.43 9.57
N LYS A 16 -13.45 -1.11 9.60
CA LYS A 16 -14.52 -0.11 9.65
C LYS A 16 -14.67 0.64 8.33
N PRO A 17 -15.85 0.60 7.73
CA PRO A 17 -16.10 1.27 6.46
C PRO A 17 -15.73 2.76 6.38
N PHE A 18 -15.24 3.19 5.21
CA PHE A 18 -14.86 4.58 4.97
C PHE A 18 -13.59 5.03 5.74
N MET A 19 -12.95 4.14 6.50
CA MET A 19 -11.72 4.51 7.22
C MET A 19 -10.40 4.13 6.51
N GLY A 20 -10.51 3.38 5.44
CA GLY A 20 -9.32 2.82 4.78
C GLY A 20 -9.16 3.45 3.44
N ASN A 21 -8.47 2.74 2.57
CA ASN A 21 -8.24 3.19 1.22
C ASN A 21 -8.96 2.20 0.31
N PRO A 22 -9.97 2.65 -0.45
CA PRO A 22 -10.72 1.83 -1.40
C PRO A 22 -9.99 1.31 -2.63
N VAL A 23 -10.41 0.12 -3.06
CA VAL A 23 -10.07 -0.45 -4.33
C VAL A 23 -11.39 -0.99 -4.92
N ALA A 24 -11.66 -0.66 -6.18
CA ALA A 24 -12.82 -1.22 -6.91
C ALA A 24 -12.35 -2.51 -7.49
N VAL A 25 -13.14 -3.58 -7.31
CA VAL A 25 -12.68 -4.87 -7.79
C VAL A 25 -13.79 -5.49 -8.68
N ILE A 26 -13.46 -5.70 -9.95
CA ILE A 26 -14.38 -6.28 -10.93
C ILE A 26 -14.17 -7.81 -11.11
N ASN A 27 -15.26 -8.56 -10.97
CA ASN A 27 -15.22 -9.98 -11.09
C ASN A 27 -15.36 -10.41 -12.57
N PHE A 28 -14.25 -10.67 -13.26
CA PHE A 28 -14.25 -11.22 -14.65
C PHE A 28 -13.85 -12.71 -14.69
N LEU A 29 -14.05 -13.39 -13.56
CA LEU A 29 -13.70 -14.80 -13.43
C LEU A 29 -14.52 -15.74 -14.28
N GLU A 30 -15.69 -15.31 -14.71
CA GLU A 30 -16.47 -16.15 -15.63
C GLU A 30 -16.52 -15.65 -17.07
N ILE A 31 -15.64 -14.72 -17.44
CA ILE A 31 -15.50 -14.31 -18.84
C ILE A 31 -14.03 -14.45 -19.34
N ASP A 32 -13.87 -14.62 -20.66
CA ASP A 32 -12.56 -14.82 -21.30
C ASP A 32 -11.74 -13.51 -21.33
N GLU A 33 -10.62 -13.50 -20.62
CA GLU A 33 -9.72 -12.35 -20.62
C GLU A 33 -9.31 -11.91 -22.04
N ASN A 34 -9.17 -12.87 -22.95
CA ASN A 34 -8.93 -12.64 -24.39
C ASN A 34 -9.89 -11.65 -25.01
N GLU A 35 -11.14 -11.76 -24.60
CA GLU A 35 -12.23 -10.99 -25.15
C GLU A 35 -12.42 -9.63 -24.46
N VAL A 36 -11.40 -9.12 -23.75
CA VAL A 36 -11.53 -7.85 -23.02
C VAL A 36 -10.28 -7.04 -23.29
N SER A 37 -10.44 -5.90 -23.91
CA SER A 37 -9.32 -5.11 -24.36
C SER A 37 -8.73 -4.31 -23.21
N GLN A 38 -7.43 -4.04 -23.30
CA GLN A 38 -6.75 -3.22 -22.31
C GLN A 38 -7.37 -1.83 -22.18
N GLU A 39 -7.98 -1.33 -23.27
CA GLU A 39 -8.54 0.04 -23.29
C GLU A 39 -9.84 0.11 -22.51
N GLU A 40 -10.63 -0.94 -22.65
CA GLU A 40 -11.83 -1.21 -21.86
C GLU A 40 -11.50 -1.21 -20.36
N LEU A 41 -10.50 -2.03 -19.99
CA LEU A 41 -10.04 -2.10 -18.61
C LEU A 41 -9.56 -0.72 -18.10
N GLN A 42 -8.70 -0.08 -18.90
CA GLN A 42 -8.22 1.27 -18.62
C GLN A 42 -9.31 2.32 -18.40
N ALA A 43 -10.34 2.26 -19.23
CA ALA A 43 -11.45 3.18 -19.21
C ALA A 43 -12.24 3.02 -17.92
N ILE A 44 -12.45 1.77 -17.49
CA ILE A 44 -13.15 1.51 -16.24
C ILE A 44 -12.39 2.08 -15.06
N ALA A 45 -11.07 1.91 -15.07
CA ALA A 45 -10.21 2.40 -13.98
C ALA A 45 -10.17 3.93 -13.93
N ASN A 46 -10.20 4.53 -15.12
CA ASN A 46 -10.20 5.97 -15.24
C ASN A 46 -11.51 6.52 -14.74
N TRP A 47 -12.61 5.85 -15.09
CA TRP A 47 -13.95 6.27 -14.65
C TRP A 47 -14.21 6.14 -13.14
N THR A 48 -13.74 5.06 -12.51
CA THR A 48 -13.92 4.97 -11.04
C THR A 48 -13.09 6.04 -10.33
N ASN A 49 -11.96 6.42 -10.96
CA ASN A 49 -11.09 7.49 -10.45
C ASN A 49 -10.48 7.18 -9.07
N LEU A 50 -10.30 5.90 -8.78
CA LEU A 50 -9.73 5.46 -7.48
C LEU A 50 -8.24 5.22 -7.75
N SER A 51 -7.44 5.17 -6.69
CA SER A 51 -5.99 4.92 -6.85
C SER A 51 -5.69 3.71 -7.71
N GLU A 52 -6.45 2.62 -7.50
CA GLU A 52 -6.42 1.48 -8.36
C GLU A 52 -7.78 0.83 -8.46
N THR A 53 -7.95 0.14 -9.56
CA THR A 53 -9.14 -0.60 -9.89
C THR A 53 -8.58 -1.89 -10.40
N THR A 54 -9.14 -3.02 -9.94
CA THR A 54 -8.58 -4.31 -10.32
C THR A 54 -9.61 -5.21 -10.93
N PHE A 55 -9.11 -6.21 -11.66
CA PHE A 55 -9.91 -7.17 -12.35
C PHE A 55 -9.42 -8.57 -12.10
N LEU A 56 -10.34 -9.38 -11.63
CA LEU A 56 -10.12 -10.81 -11.40
C LEU A 56 -10.42 -11.66 -12.66
N PHE A 57 -9.44 -12.47 -13.04
CA PHE A 57 -9.60 -13.35 -14.18
C PHE A 57 -9.21 -14.75 -13.82
N LYS A 58 -9.64 -15.71 -14.64
CA LYS A 58 -9.16 -17.09 -14.47
C LYS A 58 -7.63 -17.13 -14.55
N PRO A 59 -6.98 -17.91 -13.67
CA PRO A 59 -5.54 -17.98 -13.74
C PRO A 59 -5.03 -18.78 -14.97
N SER A 60 -3.78 -18.51 -15.36
CA SER A 60 -3.15 -19.19 -16.48
C SER A 60 -2.82 -20.67 -16.24
N ASP A 61 -2.86 -21.11 -14.97
CA ASP A 61 -2.38 -22.43 -14.53
C ASP A 61 -3.01 -22.71 -13.15
N LYS A 62 -3.37 -23.99 -12.91
CA LYS A 62 -4.02 -24.49 -11.65
C LYS A 62 -3.30 -24.18 -10.32
N LYS A 63 -2.01 -23.92 -10.41
CA LYS A 63 -1.26 -23.53 -9.25
C LYS A 63 -1.59 -22.12 -8.69
N TYR A 64 -2.38 -21.32 -9.42
CA TYR A 64 -2.81 -20.02 -8.92
C TYR A 64 -4.28 -20.09 -8.69
N ASP A 65 -4.74 -19.31 -7.74
CA ASP A 65 -6.16 -19.23 -7.44
C ASP A 65 -6.86 -18.24 -8.34
N TYR A 66 -6.20 -17.16 -8.72
CA TYR A 66 -6.76 -16.20 -9.61
C TYR A 66 -5.65 -15.34 -10.21
N LYS A 67 -5.94 -14.75 -11.37
CA LYS A 67 -5.13 -13.70 -12.00
C LYS A 67 -5.77 -12.34 -11.69
N LEU A 68 -4.93 -11.40 -11.32
CA LEU A 68 -5.32 -10.04 -11.00
C LEU A 68 -4.63 -9.12 -11.97
N ARG A 69 -5.42 -8.29 -12.67
CA ARG A 69 -4.92 -7.16 -13.38
C ARG A 69 -5.21 -5.87 -12.63
N ILE A 70 -4.18 -5.03 -12.51
CA ILE A 70 -4.18 -3.86 -11.62
C ILE A 70 -3.97 -2.57 -12.41
N PHE A 71 -4.87 -1.60 -12.23
CA PHE A 71 -4.88 -0.37 -13.00
C PHE A 71 -5.05 0.86 -12.12
N THR A 72 -4.39 1.95 -12.52
CA THR A 72 -4.63 3.28 -11.93
C THR A 72 -5.52 3.96 -12.91
N PRO A 73 -5.98 5.17 -12.62
CA PRO A 73 -6.71 5.88 -13.67
C PRO A 73 -5.89 6.06 -14.98
N ARG A 74 -4.56 5.97 -14.91
CA ARG A 74 -3.64 6.33 -16.03
C ARG A 74 -2.98 5.15 -16.75
N SER A 75 -2.65 4.08 -16.01
CA SER A 75 -1.91 2.97 -16.57
C SER A 75 -2.21 1.65 -15.84
N GLU A 76 -1.81 0.54 -16.47
CA GLU A 76 -1.68 -0.75 -15.75
C GLU A 76 -0.37 -0.79 -14.97
N LEU A 77 -0.42 -1.26 -13.73
CA LEU A 77 0.75 -1.53 -12.91
C LEU A 77 1.04 -3.01 -12.95
N PRO A 78 2.32 -3.38 -12.85
CA PRO A 78 2.58 -4.82 -12.71
C PRO A 78 2.21 -5.36 -11.33
N PHE A 79 2.20 -4.48 -10.33
CA PHE A 79 1.84 -4.88 -9.00
C PHE A 79 1.52 -3.69 -8.07
N ALA A 80 0.67 -3.93 -7.07
CA ALA A 80 0.59 -3.03 -5.91
C ALA A 80 0.03 -3.77 -4.70
N GLY A 81 0.34 -3.24 -3.52
CA GLY A 81 0.02 -3.85 -2.28
C GLY A 81 -1.43 -3.74 -1.90
N HIS A 82 -1.95 -2.52 -1.73
CA HIS A 82 -3.30 -2.43 -1.20
C HIS A 82 -4.35 -3.08 -2.14
N PRO A 83 -4.15 -3.00 -3.46
CA PRO A 83 -5.07 -3.66 -4.41
C PRO A 83 -5.04 -5.18 -4.32
N THR A 84 -3.85 -5.73 -4.11
CA THR A 84 -3.66 -7.13 -3.79
C THR A 84 -4.48 -7.54 -2.56
N ILE A 85 -4.36 -6.79 -1.47
CA ILE A 85 -5.11 -7.16 -0.27
C ILE A 85 -6.65 -7.08 -0.48
N GLY A 86 -7.13 -5.95 -1.03
CA GLY A 86 -8.54 -5.77 -1.24
C GLY A 86 -9.08 -6.76 -2.22
N SER A 87 -8.27 -7.08 -3.23
CA SER A 87 -8.72 -8.03 -4.28
C SER A 87 -8.79 -9.47 -3.75
N CYS A 88 -7.89 -9.79 -2.84
CA CYS A 88 -7.94 -11.05 -2.18
C CYS A 88 -9.26 -11.21 -1.39
N LYS A 89 -9.58 -10.20 -0.57
CA LYS A 89 -10.81 -10.17 0.21
C LYS A 89 -12.02 -10.30 -0.69
N ALA A 90 -12.02 -9.53 -1.76
CA ALA A 90 -13.12 -9.59 -2.72
C ALA A 90 -13.23 -10.97 -3.35
N PHE A 91 -12.12 -11.56 -3.80
CA PHE A 91 -12.12 -12.93 -4.34
C PHE A 91 -12.79 -13.98 -3.42
N LEU A 92 -12.36 -14.01 -2.18
CA LEU A 92 -12.92 -14.87 -1.16
C LEU A 92 -14.41 -14.72 -1.13
N GLU A 93 -14.89 -13.49 -1.05
CA GLU A 93 -16.31 -13.23 -1.04
C GLU A 93 -16.99 -13.62 -2.35
N PHE A 94 -16.42 -13.22 -3.49
CA PHE A 94 -16.99 -13.57 -4.77
C PHE A 94 -17.16 -15.10 -4.89
N THR A 95 -16.23 -15.90 -4.36
CA THR A 95 -16.25 -17.36 -4.54
C THR A 95 -16.76 -18.10 -3.29
N LYS A 96 -17.39 -17.34 -2.38
CA LYS A 96 -18.04 -17.87 -1.19
C LYS A 96 -17.09 -18.73 -0.35
N ASN A 97 -15.85 -18.24 -0.20
CA ASN A 97 -14.81 -18.99 0.45
C ASN A 97 -14.62 -18.33 1.82
N THR A 98 -14.99 -19.06 2.89
CA THR A 98 -14.84 -18.59 4.26
C THR A 98 -13.84 -19.42 5.00
N THR A 99 -13.02 -20.23 4.30
CA THR A 99 -12.04 -21.09 4.97
C THR A 99 -10.56 -21.02 4.49
N ALA A 100 -10.28 -20.43 3.33
CA ALA A 100 -8.90 -20.40 2.84
C ALA A 100 -8.01 -19.70 3.85
N THR A 101 -6.82 -20.26 4.06
CA THR A 101 -5.76 -19.62 4.81
C THR A 101 -4.59 -19.22 3.97
N SER A 102 -4.54 -19.70 2.73
CA SER A 102 -3.50 -19.17 1.82
C SER A 102 -4.06 -19.21 0.40
N LEU A 103 -3.56 -18.32 -0.45
CA LEU A 103 -3.89 -18.29 -1.85
C LEU A 103 -2.64 -17.84 -2.60
N VAL A 104 -2.62 -18.03 -3.91
CA VAL A 104 -1.53 -17.58 -4.74
C VAL A 104 -2.19 -16.78 -5.85
N GLN A 105 -1.85 -15.48 -5.88
CA GLN A 105 -2.24 -14.58 -6.98
C GLN A 105 -1.27 -14.56 -8.14
N GLU A 106 -1.82 -14.64 -9.33
CA GLU A 106 -1.08 -14.48 -10.56
C GLU A 106 -1.20 -13.05 -11.02
N CYS A 107 -0.06 -12.43 -11.30
CA CYS A 107 -0.04 -11.11 -11.87
C CYS A 107 1.26 -10.89 -12.71
N LYS A 108 1.42 -9.69 -13.28
CA LYS A 108 2.59 -9.33 -14.09
C LYS A 108 3.94 -9.61 -13.35
N ILE A 109 3.95 -9.45 -12.04
CA ILE A 109 5.15 -9.64 -11.24
C ILE A 109 5.44 -11.16 -11.06
N GLY A 110 4.51 -12.01 -11.48
CA GLY A 110 4.62 -13.44 -11.28
C GLY A 110 3.68 -13.89 -10.18
N ALA A 111 4.04 -14.97 -9.47
CA ALA A 111 3.33 -15.50 -8.30
C ALA A 111 3.44 -14.65 -7.02
N VAL A 112 2.29 -14.42 -6.37
CA VAL A 112 2.27 -13.71 -5.13
C VAL A 112 1.47 -14.50 -4.09
N PRO A 113 2.12 -15.39 -3.34
CA PRO A 113 1.48 -15.99 -2.18
C PRO A 113 0.88 -15.02 -1.14
N ILE A 114 -0.32 -15.36 -0.71
CA ILE A 114 -1.05 -14.56 0.25
C ILE A 114 -1.48 -15.51 1.38
N THR A 115 -1.40 -15.02 2.62
CA THR A 115 -1.97 -15.71 3.75
C THR A 115 -3.07 -14.86 4.34
N ILE A 116 -4.03 -15.57 4.87
CA ILE A 116 -5.19 -15.01 5.57
C ILE A 116 -5.26 -15.64 6.94
N ASN A 117 -5.22 -14.76 7.96
CA ASN A 117 -5.23 -15.18 9.36
C ASN A 117 -6.22 -14.31 10.11
N GLU A 118 -7.42 -14.85 10.32
CA GLU A 118 -8.47 -14.13 11.07
C GLU A 118 -8.72 -12.79 10.42
N GLY A 119 -8.81 -12.77 9.11
CA GLY A 119 -9.07 -11.51 8.43
C GLY A 119 -7.83 -10.74 8.05
N LEU A 120 -6.67 -11.11 8.58
CA LEU A 120 -5.41 -10.41 8.31
C LEU A 120 -4.79 -11.02 7.09
N ILE A 121 -4.75 -10.20 6.04
CA ILE A 121 -4.34 -10.62 4.72
C ILE A 121 -2.92 -10.10 4.46
N SER A 122 -2.03 -11.00 4.02
CA SER A 122 -0.60 -10.73 4.05
C SER A 122 0.12 -11.24 2.81
N PHE A 123 1.03 -10.44 2.27
CA PHE A 123 1.90 -10.85 1.16
C PHE A 123 3.32 -10.35 1.38
N LYS A 124 4.28 -10.93 0.68
CA LYS A 124 5.66 -10.38 0.73
C LYS A 124 5.79 -9.26 -0.27
N ALA A 125 6.20 -8.09 0.21
CA ALA A 125 6.51 -6.98 -0.67
C ALA A 125 7.67 -7.33 -1.63
N PRO A 126 7.47 -7.16 -2.94
CA PRO A 126 8.52 -7.53 -3.90
C PRO A 126 9.75 -6.64 -3.85
N MET A 127 9.60 -5.41 -3.39
CA MET A 127 10.74 -4.46 -3.43
C MET A 127 10.83 -3.55 -2.22
N ALA A 128 12.04 -3.51 -1.69
CA ALA A 128 12.32 -2.69 -0.54
C ALA A 128 13.83 -2.48 -0.47
N ASP A 129 14.31 -1.58 -1.32
CA ASP A 129 15.70 -1.11 -1.31
C ASP A 129 15.90 0.22 -0.56
N TYR A 130 17.14 0.47 -0.14
CA TYR A 130 17.47 1.64 0.64
C TYR A 130 18.63 2.31 -0.03
N GLU A 131 18.80 3.57 0.33
CA GLU A 131 19.80 4.39 -0.32
C GLU A 131 19.87 5.67 0.50
N SER A 132 21.08 6.11 0.79
CA SER A 132 21.31 7.31 1.56
C SER A 132 21.05 8.50 0.66
N ILE A 133 20.75 9.60 1.32
CA ILE A 133 20.48 10.86 0.63
C ILE A 133 21.50 11.92 1.08
N SER A 134 21.72 12.97 0.29
CA SER A 134 22.66 14.03 0.67
C SER A 134 22.14 14.88 1.83
N SER A 135 23.05 15.41 2.65
CA SER A 135 22.65 16.16 3.83
C SER A 135 21.95 17.47 3.43
N GLU A 136 22.26 17.89 2.20
CA GLU A 136 21.63 19.04 1.56
C GLU A 136 20.14 18.80 1.26
N MET A 137 19.85 17.70 0.56
CA MET A 137 18.46 17.21 0.41
C MET A 137 17.75 17.16 1.76
N ILE A 138 18.43 16.65 2.78
CA ILE A 138 17.83 16.41 4.08
C ILE A 138 17.37 17.72 4.67
N ALA A 139 18.24 18.74 4.58
CA ALA A 139 18.02 20.03 5.27
C ALA A 139 16.86 20.77 4.62
N ASP A 140 16.81 20.67 3.30
CA ASP A 140 15.71 21.20 2.55
C ASP A 140 14.36 20.55 2.91
N TYR A 141 14.34 19.21 2.96
CA TYR A 141 13.12 18.51 3.35
C TYR A 141 12.67 18.87 4.74
N GLU A 142 13.64 19.09 5.63
CA GLU A 142 13.31 19.53 6.96
C GLU A 142 12.61 20.86 6.87
N LYS A 143 13.08 21.70 5.94
CA LYS A 143 12.47 23.00 5.71
C LYS A 143 11.04 22.83 5.24
N ALA A 144 10.83 21.95 4.27
CA ALA A 144 9.51 21.73 3.73
C ALA A 144 8.48 21.17 4.74
N ILE A 145 8.93 20.28 5.62
CA ILE A 145 8.09 19.66 6.62
C ILE A 145 7.86 20.56 7.84
N GLY A 146 8.88 21.31 8.22
CA GLY A 146 8.82 22.22 9.36
C GLY A 146 9.35 21.61 10.65
N LEU A 147 10.09 20.51 10.51
CA LEU A 147 10.59 19.79 11.67
C LEU A 147 11.97 19.23 11.34
N LYS A 148 12.76 19.13 12.40
CA LYS A 148 14.02 18.40 12.37
C LYS A 148 13.73 16.89 12.54
N PHE A 149 14.41 16.10 11.75
CA PHE A 149 14.39 14.61 11.89
C PHE A 149 15.34 14.05 12.97
N ILE A 150 14.96 12.92 13.58
CA ILE A 150 15.80 12.32 14.63
C ILE A 150 16.84 11.35 14.06
N LYS A 151 16.83 11.15 12.76
CA LYS A 151 17.78 10.28 12.10
C LYS A 151 17.87 10.79 10.70
N PRO A 152 18.94 10.44 9.99
CA PRO A 152 18.99 10.80 8.58
C PRO A 152 17.91 10.14 7.75
N PRO A 153 17.03 10.94 7.10
CA PRO A 153 16.15 10.38 6.04
C PRO A 153 16.90 9.61 5.01
N ALA A 154 16.21 8.80 4.24
CA ALA A 154 16.87 8.10 3.15
C ALA A 154 15.88 7.86 2.05
N LEU A 155 16.38 7.52 0.87
CA LEU A 155 15.52 7.20 -0.26
C LEU A 155 15.21 5.68 -0.27
N LEU A 156 13.92 5.35 -0.20
CA LEU A 156 13.43 3.97 -0.27
C LEU A 156 12.64 3.71 -1.55
N HIS A 157 13.09 2.68 -2.25
CA HIS A 157 12.56 2.24 -3.51
C HIS A 157 11.63 1.08 -3.18
N THR A 158 10.34 1.30 -3.38
CA THR A 158 9.31 0.40 -2.87
C THR A 158 8.20 0.34 -3.89
N GLY A 159 8.57 0.54 -5.14
CA GLY A 159 7.63 0.90 -6.19
C GLY A 159 7.75 2.39 -6.51
N PRO A 160 7.13 3.25 -5.68
CA PRO A 160 7.38 4.67 -5.70
C PRO A 160 8.70 5.01 -5.08
N GLU A 161 9.19 6.22 -5.37
CA GLU A 161 10.42 6.72 -4.74
C GLU A 161 10.07 7.59 -3.57
N TRP A 162 10.17 7.00 -2.37
CA TRP A 162 9.74 7.64 -1.14
C TRP A 162 10.98 8.05 -0.33
N ILE A 163 10.99 9.27 0.18
CA ILE A 163 11.94 9.62 1.24
C ILE A 163 11.26 9.18 2.49
N VAL A 164 11.96 8.51 3.37
CA VAL A 164 11.42 8.27 4.68
C VAL A 164 12.14 9.13 5.71
N ALA A 165 11.41 9.77 6.61
CA ALA A 165 11.98 10.60 7.62
C ALA A 165 11.24 10.41 8.94
N LEU A 166 12.03 10.35 10.02
CA LEU A 166 11.52 10.14 11.33
C LEU A 166 11.56 11.39 12.16
N VAL A 167 10.52 11.55 12.98
CA VAL A 167 10.45 12.63 13.95
C VAL A 167 10.28 12.06 15.34
N GLU A 168 10.22 12.92 16.35
CA GLU A 168 10.47 12.54 17.75
C GLU A 168 9.46 11.51 18.25
N ASP A 169 8.20 11.74 17.86
CA ASP A 169 7.15 10.82 18.24
C ASP A 169 5.97 10.89 17.29
N ALA A 170 5.00 10.02 17.56
CA ALA A 170 3.76 9.95 16.79
C ALA A 170 3.00 11.26 16.74
N GLU A 171 2.95 11.97 17.84
CA GLU A 171 2.14 13.18 17.93
C GLU A 171 2.72 14.25 17.02
N THR A 172 4.05 14.29 16.97
CA THR A 172 4.77 15.30 16.23
C THR A 172 4.52 15.09 14.74
N CYS A 173 4.60 13.82 14.31
CA CYS A 173 4.25 13.42 12.98
C CYS A 173 2.80 13.77 12.69
N PHE A 174 1.86 13.34 13.53
CA PHE A 174 0.41 13.62 13.35
C PHE A 174 0.12 15.12 13.13
N ASN A 175 0.80 15.96 13.90
CA ASN A 175 0.55 17.40 13.93
C ASN A 175 1.40 18.21 12.94
N ALA A 176 2.30 17.58 12.19
CA ALA A 176 3.02 18.24 11.14
C ALA A 176 2.07 18.86 10.12
N ASN A 177 2.51 20.02 9.60
CA ASN A 177 1.79 20.78 8.61
C ASN A 177 2.85 21.20 7.58
N PRO A 178 3.18 20.26 6.67
CA PRO A 178 4.17 20.57 5.68
C PRO A 178 3.74 21.66 4.73
N ASN A 179 4.74 22.30 4.17
CA ASN A 179 4.50 23.18 3.05
C ASN A 179 4.43 22.33 1.80
N PHE A 180 3.22 22.10 1.32
CA PHE A 180 3.03 21.24 0.18
C PHE A 180 3.69 21.73 -1.11
N ALA A 181 3.66 23.05 -1.38
CA ALA A 181 4.27 23.54 -2.62
C ALA A 181 5.78 23.44 -2.58
N MET A 182 6.39 23.66 -1.43
CA MET A 182 7.82 23.46 -1.27
C MET A 182 8.17 22.00 -1.51
N LEU A 183 7.31 21.10 -1.03
CA LEU A 183 7.57 19.69 -1.16
C LEU A 183 7.45 19.25 -2.62
N ALA A 184 6.44 19.75 -3.31
CA ALA A 184 6.26 19.46 -4.71
C ALA A 184 7.48 19.96 -5.48
N HIS A 185 7.91 21.17 -5.18
CA HIS A 185 9.16 21.74 -5.75
C HIS A 185 10.41 20.86 -5.56
N GLN A 186 10.70 20.56 -4.30
CA GLN A 186 11.86 19.74 -3.93
C GLN A 186 11.81 18.31 -4.45
N THR A 187 10.66 17.67 -4.34
CA THR A 187 10.53 16.32 -4.84
C THR A 187 10.60 16.32 -6.36
N LYS A 188 10.00 17.31 -7.01
CA LYS A 188 10.09 17.40 -8.48
C LYS A 188 11.54 17.57 -8.89
N GLN A 189 12.23 18.47 -8.21
CA GLN A 189 13.61 18.71 -8.50
C GLN A 189 14.42 17.44 -8.29
N ASN A 190 14.12 16.68 -7.23
CA ASN A 190 14.96 15.59 -6.75
C ASN A 190 14.61 14.22 -7.33
N ASP A 191 13.66 14.17 -8.26
CA ASP A 191 12.97 12.94 -8.68
C ASP A 191 12.59 11.95 -7.55
N HIS A 192 11.72 12.42 -6.65
CA HIS A 192 11.10 11.58 -5.61
C HIS A 192 9.60 11.77 -5.74
N VAL A 193 8.81 10.79 -5.28
CA VAL A 193 7.36 10.93 -5.31
C VAL A 193 6.89 11.79 -4.13
N GLY A 194 7.62 11.73 -3.02
CA GLY A 194 7.20 12.40 -1.80
C GLY A 194 7.92 11.90 -0.57
N ILE A 195 7.36 12.24 0.58
CA ILE A 195 7.95 11.90 1.84
C ILE A 195 6.96 11.06 2.67
N ILE A 196 7.50 10.03 3.28
CA ILE A 196 6.84 9.29 4.28
C ILE A 196 7.38 9.81 5.60
N LEU A 197 6.51 10.35 6.45
CA LEU A 197 6.89 10.89 7.74
C LEU A 197 6.36 9.93 8.77
N ALA A 198 7.16 9.65 9.80
CA ALA A 198 6.76 8.77 10.85
C ALA A 198 7.36 9.13 12.20
N GLY A 199 6.64 8.79 13.24
CA GLY A 199 7.17 8.88 14.57
C GLY A 199 6.61 7.80 15.49
N PRO A 200 7.42 7.33 16.46
CA PRO A 200 7.04 6.26 17.37
C PRO A 200 5.98 6.65 18.38
N LYS A 201 5.03 5.74 18.63
CA LYS A 201 4.09 5.86 19.76
C LYS A 201 4.82 5.33 20.98
N LYS A 202 5.39 6.24 21.75
CA LYS A 202 6.36 5.83 22.79
C LYS A 202 5.76 5.12 23.98
N GLU A 203 4.53 5.42 24.37
CA GLU A 203 3.91 4.74 25.51
C GLU A 203 2.84 3.71 25.12
N ALA A 204 3.03 3.06 23.98
CA ALA A 204 2.04 2.12 23.46
C ALA A 204 2.32 0.73 24.00
N ALA A 205 1.25 0.05 24.38
CA ALA A 205 1.31 -1.33 24.81
C ALA A 205 2.05 -2.14 23.79
N ILE A 206 1.65 -2.01 22.53
CA ILE A 206 2.34 -2.72 21.46
C ILE A 206 3.64 -1.95 21.15
N LYS A 207 4.78 -2.63 21.23
CA LYS A 207 6.07 -2.03 20.80
C LYS A 207 6.15 -1.84 19.31
N ASN A 208 7.08 -0.99 18.91
CA ASN A 208 7.25 -0.65 17.50
C ASN A 208 5.98 -0.24 16.74
N SER A 209 5.07 0.43 17.46
CA SER A 209 3.96 1.14 16.90
C SER A 209 4.42 2.58 16.47
N TYR A 210 4.04 2.96 15.24
CA TYR A 210 4.33 4.26 14.65
C TYR A 210 3.08 4.86 14.05
N GLU A 211 2.99 6.18 14.13
CA GLU A 211 2.10 7.00 13.30
C GLU A 211 2.85 7.37 12.02
N MET A 212 2.23 7.13 10.87
CA MET A 212 2.83 7.56 9.59
C MET A 212 1.87 8.47 8.77
N ARG A 213 2.50 9.28 7.92
CA ARG A 213 1.84 10.14 7.00
C ARG A 213 2.62 10.02 5.71
N ALA A 214 1.92 10.13 4.59
CA ALA A 214 2.54 10.05 3.24
C ALA A 214 2.13 11.27 2.45
N PHE A 215 3.10 12.05 1.96
CA PHE A 215 2.81 13.27 1.23
C PHE A 215 3.39 13.21 -0.16
N ALA A 216 2.55 13.35 -1.17
CA ALA A 216 2.98 13.24 -2.56
C ALA A 216 2.41 14.37 -3.41
N PRO A 217 2.63 15.66 -3.00
CA PRO A 217 2.01 16.75 -3.75
C PRO A 217 2.44 16.86 -5.21
N VAL A 218 3.66 16.43 -5.55
CA VAL A 218 4.13 16.46 -6.94
C VAL A 218 3.22 15.66 -7.87
N ILE A 219 2.59 14.59 -7.38
CA ILE A 219 1.55 13.86 -8.16
C ILE A 219 0.15 14.22 -7.73
N ASN A 220 0.01 15.36 -7.06
CA ASN A 220 -1.32 15.86 -6.61
C ASN A 220 -2.06 14.89 -5.67
N VAL A 221 -1.30 14.30 -4.75
CA VAL A 221 -1.83 13.62 -3.59
C VAL A 221 -1.08 14.23 -2.41
N TYR A 222 -1.64 15.32 -1.92
CA TYR A 222 -0.93 16.19 -1.02
C TYR A 222 -0.72 15.34 0.20
N GLU A 223 -1.77 14.68 0.64
CA GLU A 223 -1.59 13.60 1.60
C GLU A 223 -2.39 12.31 1.20
N ASP A 224 -1.69 11.18 1.09
CA ASP A 224 -2.32 9.89 0.81
C ASP A 224 -2.83 9.40 2.14
N PRO A 225 -4.14 9.17 2.28
CA PRO A 225 -4.61 8.86 3.62
C PRO A 225 -4.22 7.48 4.19
N VAL A 226 -4.08 6.47 3.33
CA VAL A 226 -3.58 5.17 3.76
C VAL A 226 -2.62 4.60 2.69
N CYS A 227 -1.33 4.50 3.03
CA CYS A 227 -0.29 4.33 2.05
C CYS A 227 0.51 3.05 2.25
N GLY A 228 0.07 1.96 1.63
CA GLY A 228 0.74 0.68 1.74
C GLY A 228 2.19 0.64 1.28
N SER A 229 2.49 1.19 0.11
CA SER A 229 3.90 1.27 -0.34
C SER A 229 4.73 2.09 0.66
N GLY A 230 4.11 3.03 1.37
CA GLY A 230 4.79 3.79 2.38
C GLY A 230 5.19 2.98 3.62
N SER A 231 4.33 2.07 4.07
CA SER A 231 4.64 1.27 5.22
C SER A 231 5.81 0.28 4.91
N VAL A 232 5.90 -0.19 3.69
CA VAL A 232 7.06 -1.00 3.32
C VAL A 232 8.34 -0.17 3.38
N ALA A 233 8.28 1.07 2.87
CA ALA A 233 9.38 2.01 2.99
C ALA A 233 9.73 2.18 4.44
N LEU A 234 8.75 2.46 5.27
CA LEU A 234 9.01 2.71 6.67
C LEU A 234 9.69 1.47 7.29
N ALA A 235 9.14 0.28 7.03
CA ALA A 235 9.71 -0.98 7.49
C ALA A 235 11.19 -1.18 7.11
N ARG A 236 11.48 -1.09 5.82
CA ARG A 236 12.82 -1.18 5.29
C ARG A 236 13.79 -0.12 5.84
N TYR A 237 13.27 1.10 6.04
CA TYR A 237 14.06 2.15 6.65
C TYR A 237 14.44 1.75 8.05
N LEU A 238 13.44 1.44 8.86
CA LEU A 238 13.65 1.02 10.22
C LEU A 238 14.65 -0.12 10.34
N GLN A 239 14.66 -1.07 9.42
CA GLN A 239 15.65 -2.14 9.48
C GLN A 239 17.08 -1.58 9.39
N GLU A 240 17.33 -0.71 8.41
CA GLU A 240 18.66 -0.09 8.28
C GLU A 240 19.07 0.74 9.47
N VAL A 241 18.12 1.45 10.05
CA VAL A 241 18.49 2.35 11.09
C VAL A 241 18.66 1.59 12.41
N TYR A 242 17.74 0.66 12.69
CA TYR A 242 17.76 -0.03 13.97
C TYR A 242 18.41 -1.43 13.92
N LYS A 243 18.66 -1.94 12.71
CA LYS A 243 19.38 -3.19 12.51
C LYS A 243 18.81 -4.32 13.38
N PHE A 244 17.55 -4.68 13.16
CA PHE A 244 16.89 -5.67 14.02
C PHE A 244 17.50 -7.06 13.75
N GLU A 245 17.59 -7.89 14.79
CA GLU A 245 18.16 -9.26 14.66
C GLU A 245 17.09 -10.33 14.58
N LYS A 246 15.95 -10.10 15.23
CA LYS A 246 14.79 -10.98 15.12
C LYS A 246 13.74 -10.35 14.23
N THR A 247 12.89 -11.23 13.72
CA THR A 247 11.69 -10.86 13.01
C THR A 247 10.94 -9.82 13.85
N THR A 248 10.75 -8.64 13.24
CA THR A 248 10.08 -7.49 13.88
C THR A 248 8.86 -7.00 13.10
N ASP A 249 7.74 -6.92 13.81
CA ASP A 249 6.53 -6.29 13.33
C ASP A 249 6.47 -4.79 13.72
N ILE A 250 6.22 -4.00 12.69
CA ILE A 250 5.93 -2.57 12.81
C ILE A 250 4.43 -2.36 12.63
N THR A 251 3.79 -1.79 13.66
CA THR A 251 2.37 -1.53 13.66
C THR A 251 2.13 -0.06 13.29
N ILE A 252 1.67 0.14 12.06
CA ILE A 252 1.54 1.49 11.51
C ILE A 252 0.12 1.98 11.48
N SER A 253 -0.14 3.14 12.08
CA SER A 253 -1.42 3.80 12.00
C SER A 253 -1.31 5.06 11.15
N GLU A 254 -2.34 5.32 10.35
CA GLU A 254 -2.29 6.41 9.37
C GLU A 254 -3.68 6.93 9.02
N GLY A 255 -3.77 8.26 8.82
CA GLY A 255 -4.83 8.89 8.02
C GLY A 255 -5.77 9.81 8.81
N GLY A 256 -5.49 9.97 10.09
CA GLY A 256 -6.39 10.69 10.97
C GLY A 256 -6.52 12.16 10.66
N ARG A 257 -5.51 12.77 10.01
CA ARG A 257 -5.55 14.18 9.66
C ARG A 257 -6.52 14.41 8.51
N LEU A 258 -6.85 13.32 7.82
CA LEU A 258 -7.82 13.30 6.74
C LEU A 258 -9.05 12.54 7.17
N LYS A 259 -9.24 12.41 8.48
CA LYS A 259 -10.41 11.74 9.02
C LYS A 259 -10.54 10.32 8.54
N ARG A 260 -9.44 9.64 8.25
CA ARG A 260 -9.45 8.17 8.14
C ARG A 260 -8.68 7.49 9.30
N ASN A 261 -8.55 6.19 9.24
CA ASN A 261 -7.88 5.45 10.27
C ASN A 261 -7.42 4.11 9.69
N GLY A 262 -6.32 4.13 8.94
CA GLY A 262 -5.72 2.91 8.40
C GLY A 262 -4.76 2.19 9.36
N LEU A 263 -4.80 0.86 9.34
CA LEU A 263 -3.84 0.05 10.10
C LEU A 263 -3.11 -0.92 9.18
N MET A 264 -1.77 -0.86 9.23
CA MET A 264 -0.92 -1.68 8.37
C MET A 264 0.10 -2.36 9.26
N LEU A 265 0.38 -3.62 8.94
CA LEU A 265 1.36 -4.38 9.69
C LEU A 265 2.44 -4.73 8.73
N ALA A 266 3.58 -4.13 8.98
CA ALA A 266 4.77 -4.35 8.19
C ALA A 266 5.70 -5.24 8.97
N SER A 267 5.94 -6.45 8.45
CA SER A 267 6.88 -7.39 9.06
C SER A 267 8.28 -7.42 8.41
N ILE A 268 9.30 -7.26 9.25
CA ILE A 268 10.66 -7.43 8.84
C ILE A 268 10.97 -8.87 9.29
N LYS A 269 11.04 -9.78 8.33
CA LYS A 269 11.17 -11.20 8.62
C LYS A 269 12.58 -11.64 8.36
N LYS A 270 13.21 -12.14 9.41
CA LYS A 270 14.53 -12.74 9.31
C LYS A 270 14.40 -14.16 8.76
N GLU A 271 14.89 -14.36 7.55
CA GLU A 271 14.75 -15.66 6.88
C GLU A 271 15.79 -16.69 7.40
N ALA A 272 15.61 -17.97 7.02
CA ALA A 272 16.51 -19.04 7.51
C ALA A 272 17.96 -18.81 7.05
N ASP A 273 18.13 -18.04 5.97
CA ASP A 273 19.44 -17.75 5.39
C ASP A 273 20.03 -16.50 6.00
N ASN A 274 19.46 -16.05 7.13
CA ASN A 274 19.83 -14.75 7.74
C ASN A 274 19.47 -13.51 6.87
N SER A 275 18.85 -13.72 5.70
CA SER A 275 18.36 -12.60 4.87
C SER A 275 17.08 -12.03 5.46
N THR A 276 16.64 -10.91 4.90
CA THR A 276 15.42 -10.21 5.38
C THR A 276 14.36 -10.05 4.27
N SER A 277 13.12 -10.33 4.64
CA SER A 277 11.98 -10.11 3.74
C SER A 277 11.01 -9.18 4.43
N TYR A 278 10.18 -8.55 3.61
CA TYR A 278 9.30 -7.46 4.05
C TYR A 278 7.89 -7.85 3.66
N TYR A 279 7.06 -8.04 4.68
CA TYR A 279 5.68 -8.45 4.51
C TYR A 279 4.82 -7.28 4.88
N ILE A 280 3.69 -7.15 4.20
CA ILE A 280 2.69 -6.14 4.51
C ILE A 280 1.38 -6.83 4.72
N ALA A 281 0.63 -6.41 5.73
CA ALA A 281 -0.63 -7.06 6.04
C ALA A 281 -1.69 -6.09 6.53
N GLY A 282 -2.96 -6.38 6.20
CA GLY A 282 -4.05 -5.62 6.75
C GLY A 282 -5.36 -6.38 6.64
N HIS A 283 -6.34 -5.89 7.41
CA HIS A 283 -7.73 -6.19 7.22
C HIS A 283 -8.30 -5.47 5.98
N ALA A 284 -9.44 -5.96 5.49
CA ALA A 284 -10.16 -5.24 4.47
C ALA A 284 -11.63 -5.49 4.70
N THR A 285 -12.47 -4.54 4.30
CA THR A 285 -13.93 -4.72 4.47
C THR A 285 -14.65 -4.26 3.21
N THR A 286 -15.52 -5.11 2.68
CA THR A 286 -16.29 -4.72 1.51
C THR A 286 -17.28 -3.65 1.94
N VAL A 287 -17.35 -2.54 1.22
CA VAL A 287 -18.21 -1.43 1.59
C VAL A 287 -19.39 -1.29 0.61
N ILE A 288 -19.09 -1.38 -0.68
CA ILE A 288 -20.11 -1.44 -1.75
C ILE A 288 -20.07 -2.83 -2.32
N ASP A 289 -21.23 -3.47 -2.32
CA ASP A 289 -21.40 -4.76 -2.89
C ASP A 289 -22.51 -4.80 -3.97
N GLY A 290 -22.22 -5.37 -5.13
CA GLY A 290 -23.25 -5.34 -6.17
C GLY A 290 -22.73 -5.87 -7.49
N LYS A 291 -23.13 -5.18 -8.57
CA LYS A 291 -22.73 -5.57 -9.89
C LYS A 291 -22.39 -4.33 -10.69
N ILE A 292 -21.65 -4.51 -11.77
CA ILE A 292 -21.24 -3.41 -12.62
C ILE A 292 -21.51 -3.78 -14.06
N LYS A 293 -22.05 -2.84 -14.83
CA LYS A 293 -22.27 -3.03 -16.28
C LYS A 293 -21.00 -2.98 -17.07
N VAL A 294 -20.81 -3.97 -17.93
CA VAL A 294 -19.62 -4.07 -18.73
C VAL A 294 -20.00 -4.47 -20.16
N HIS A 295 -19.01 -4.42 -21.05
CA HIS A 295 -19.21 -4.53 -22.48
C HIS A 295 -18.86 -5.97 -22.84
#